data_6L8Z
#
_entry.id   6L8Z
#
_cell.length_a   49.311
_cell.length_b   69.153
_cell.length_c   141.148
_cell.angle_alpha   90.000
_cell.angle_beta   90.000
_cell.angle_gamma   90.000
#
_symmetry.space_group_name_H-M   'P 21 21 21'
#
loop_
_entity.id
_entity.type
_entity.pdbx_description
1 polymer Glycosyltransferase
2 non-polymer "URIDINE-5'-DIPHOSPHATE-GLUCOSE"
3 water water
#
_entity_poly.entity_id   1
_entity_poly.type   'polypeptide(L)'
_entity_poly.pdbx_seq_one_letter_code
;MEKGDTHILVFPFPSQGHINPLLQLSKRLIAKGIKVSLVTTLHVSNHLQLQGAYSNSVKIEVISDGSEDRLETDTMRQTL
DRFRQKMTKNLEDFLQKAMVSSNPPKFILYDSTMPWVLEVAKEFGLDRAPFYTQSCALNSINYHVLHGQLKLPPETPTIS
LPSMPLLRPSDLPAYDFDPASTDTIIDLLTSQYSNIQDANLLFCNTFDKLEGEIIQWMETLGRPVKTVGPTVPSAYLDKR
VENDKHYGLSLFKPNEDVCLKWLDSKPSGSVLYVSYGSLVEMGEEQLKELALGIKETGKFFLWVVRDTEAEKLPPNFVES
VAEKGLVVSWCSQLEVLAHPSVGCFFTHCGWNSTLEALCLGVPVVAFPQWADQVTNAKFLEDVWKVGKRVKRNEQRLASK
EEVRSCIWEVMEGERASEFKSNSMEWKKWAKEAVDEGGSSDKNIEEFVAMLKQT
;
_entity_poly.pdbx_strand_id   A
#
loop_
_chem_comp.id
_chem_comp.type
_chem_comp.name
_chem_comp.formula
UPG non-polymer URIDINE-5'-DIPHOSPHATE-GLUCOSE 'C15 H24 N2 O17 P2'
#
# COMPACT_ATOMS: atom_id res chain seq x y z
N ASP A 5 30.13 7.18 -10.49
CA ASP A 5 28.63 7.25 -10.40
C ASP A 5 28.10 6.11 -9.54
N THR A 6 27.35 6.45 -8.50
CA THR A 6 26.71 5.51 -7.56
C THR A 6 25.37 5.04 -8.12
N HIS A 7 25.19 3.73 -8.25
CA HIS A 7 23.88 3.15 -8.67
C HIS A 7 23.54 1.94 -7.79
N ILE A 8 22.25 1.76 -7.50
CA ILE A 8 21.77 0.58 -6.72
C ILE A 8 20.80 -0.21 -7.60
N LEU A 9 20.41 -1.38 -7.10
CA LEU A 9 19.42 -2.24 -7.74
C LEU A 9 18.15 -2.18 -6.89
N VAL A 10 17.02 -1.98 -7.51
CA VAL A 10 15.73 -2.03 -6.78
C VAL A 10 14.98 -3.23 -7.36
N PHE A 11 14.62 -4.17 -6.50
CA PHE A 11 13.99 -5.43 -6.95
C PHE A 11 12.67 -5.64 -6.23
N PRO A 12 11.56 -5.07 -6.72
CA PRO A 12 10.28 -5.24 -6.08
C PRO A 12 9.65 -6.58 -6.52
N PHE A 13 8.66 -7.03 -5.78
CA PHE A 13 7.97 -8.28 -6.17
C PHE A 13 7.32 -7.99 -7.52
N PRO A 14 7.55 -8.80 -8.56
CA PRO A 14 7.06 -8.46 -9.89
C PRO A 14 5.57 -8.70 -10.14
N SER A 15 4.73 -7.85 -9.58
CA SER A 15 3.26 -7.88 -9.76
C SER A 15 2.76 -6.44 -9.84
N GLN A 16 2.13 -6.18 -10.90
CA GLN A 16 1.62 -4.88 -11.32
C GLN A 16 1.33 -3.99 -10.12
N GLY A 17 0.57 -4.59 -9.22
CA GLY A 17 0.15 -3.95 -7.96
C GLY A 17 1.29 -3.48 -7.11
N HIS A 18 2.12 -4.38 -6.57
CA HIS A 18 3.10 -3.80 -5.62
C HIS A 18 4.53 -3.58 -6.09
N ILE A 19 4.71 -2.79 -7.14
CA ILE A 19 6.07 -2.32 -7.54
C ILE A 19 6.07 -0.79 -7.44
N ASN A 20 4.91 -0.17 -7.27
CA ASN A 20 4.79 1.31 -7.24
C ASN A 20 5.52 1.95 -6.06
N PRO A 21 5.41 1.41 -4.83
CA PRO A 21 6.08 2.02 -3.70
C PRO A 21 7.58 2.11 -3.96
N LEU A 22 8.19 1.03 -4.43
CA LEU A 22 9.64 1.02 -4.71
C LEU A 22 9.97 2.02 -5.82
N LEU A 23 9.12 2.11 -6.84
CA LEU A 23 9.37 3.07 -7.93
C LEU A 23 9.29 4.48 -7.38
N GLN A 24 8.29 4.74 -6.54
CA GLN A 24 8.13 6.08 -5.92
C GLN A 24 9.40 6.42 -5.15
N LEU A 25 9.89 5.49 -4.35
CA LEU A 25 11.13 5.73 -3.56
C LEU A 25 12.30 5.96 -4.52
N SER A 26 12.36 5.17 -5.58
CA SER A 26 13.43 5.33 -6.59
C SER A 26 13.48 6.77 -7.08
N LYS A 27 12.34 7.38 -7.35
CA LYS A 27 12.27 8.79 -7.79
C LYS A 27 12.91 9.68 -6.73
N ARG A 28 12.63 9.43 -5.46
CA ARG A 28 13.23 10.26 -4.39
C ARG A 28 14.74 10.19 -4.51
N LEU A 29 15.30 9.00 -4.67
CA LEU A 29 16.77 9.00 -4.61
C LEU A 29 17.43 9.16 -5.99
N ILE A 30 16.62 9.22 -7.03
CA ILE A 30 17.22 9.62 -8.33
C ILE A 30 17.43 11.14 -8.20
N ALA A 31 16.48 11.82 -7.54
CA ALA A 31 16.55 13.27 -7.27
C ALA A 31 17.68 13.61 -6.32
N LYS A 32 18.13 12.69 -5.48
CA LYS A 32 19.25 12.95 -4.56
C LYS A 32 20.57 12.51 -5.19
N GLY A 33 20.56 12.13 -6.46
CA GLY A 33 21.81 11.80 -7.19
C GLY A 33 22.17 10.32 -7.29
N ILE A 34 21.27 9.41 -6.91
CA ILE A 34 21.59 7.96 -6.98
C ILE A 34 20.96 7.38 -8.23
N LYS A 35 21.72 6.66 -9.04
CA LYS A 35 21.13 6.03 -10.23
C LYS A 35 20.43 4.75 -9.77
N VAL A 36 19.37 4.34 -10.45
CA VAL A 36 18.60 3.14 -10.02
C VAL A 36 18.32 2.23 -11.20
N SER A 37 18.65 0.95 -11.04
CA SER A 37 18.31 -0.07 -12.03
C SER A 37 17.19 -0.89 -11.47
N LEU A 38 16.09 -0.98 -12.20
CA LEU A 38 14.95 -1.79 -11.75
C LEU A 38 15.26 -3.23 -12.18
N VAL A 39 15.34 -4.15 -11.24
CA VAL A 39 15.49 -5.59 -11.55
C VAL A 39 14.08 -6.14 -11.66
N THR A 40 13.71 -6.71 -12.79
CA THR A 40 12.32 -7.23 -12.91
C THR A 40 12.26 -8.38 -13.90
N THR A 41 11.05 -8.84 -14.14
CA THR A 41 10.76 -10.01 -14.99
C THR A 41 10.48 -9.56 -16.41
N LEU A 42 10.53 -10.49 -17.35
CA LEU A 42 10.09 -10.26 -18.76
C LEU A 42 8.66 -9.72 -18.73
N HIS A 43 7.77 -10.40 -17.99
CA HIS A 43 6.32 -10.09 -17.94
C HIS A 43 6.14 -8.62 -17.55
N VAL A 44 6.64 -8.23 -16.39
CA VAL A 44 6.48 -6.83 -15.91
C VAL A 44 6.97 -5.88 -16.98
N SER A 45 8.09 -6.21 -17.61
CA SER A 45 8.68 -5.33 -18.64
C SER A 45 7.66 -4.97 -19.73
N ASN A 46 6.97 -5.99 -20.25
CA ASN A 46 5.98 -5.83 -21.34
C ASN A 46 4.83 -4.93 -20.90
N HIS A 47 4.41 -5.01 -19.65
CA HIS A 47 3.26 -4.21 -19.20
C HIS A 47 3.72 -2.90 -18.60
N LEU A 48 5.03 -2.67 -18.57
CA LEU A 48 5.54 -1.43 -17.97
C LEU A 48 5.97 -0.49 -19.07
N GLN A 49 5.90 0.81 -18.80
CA GLN A 49 6.35 1.82 -19.78
C GLN A 49 7.84 1.56 -20.05
N LEU A 50 8.25 1.60 -21.31
CA LEU A 50 9.68 1.34 -21.67
C LEU A 50 10.58 2.44 -21.09
N GLN A 51 11.82 2.06 -20.77
CA GLN A 51 12.90 2.92 -20.19
C GLN A 51 12.81 4.38 -20.64
N GLY A 52 12.92 5.29 -19.67
CA GLY A 52 12.86 6.76 -19.80
C GLY A 52 13.91 7.37 -20.73
N ALA A 53 13.70 8.62 -21.09
CA ALA A 53 14.62 9.25 -22.05
C ALA A 53 15.79 9.97 -21.39
N TYR A 54 15.89 9.99 -20.07
CA TYR A 54 16.96 10.81 -19.44
C TYR A 54 18.18 9.99 -19.00
N SER A 55 19.23 10.71 -18.64
CA SER A 55 20.52 10.12 -18.20
C SER A 55 20.33 9.37 -16.88
N ASN A 56 19.44 9.87 -16.03
CA ASN A 56 19.20 9.28 -14.70
C ASN A 56 17.81 8.63 -14.66
N SER A 57 17.29 8.24 -15.81
CA SER A 57 15.99 7.54 -15.86
C SER A 57 16.19 6.15 -15.27
N VAL A 58 15.19 5.60 -14.59
CA VAL A 58 15.33 4.22 -14.03
C VAL A 58 15.70 3.26 -15.16
N LYS A 59 16.81 2.54 -15.01
CA LYS A 59 17.26 1.57 -16.03
C LYS A 59 16.56 0.22 -15.80
N ILE A 60 15.87 -0.28 -16.82
CA ILE A 60 15.12 -1.56 -16.67
C ILE A 60 16.13 -2.68 -16.88
N GLU A 61 16.21 -3.64 -15.94
CA GLU A 61 17.05 -4.85 -16.07
C GLU A 61 16.18 -6.10 -16.05
N VAL A 62 15.84 -6.62 -17.21
CA VAL A 62 15.10 -7.90 -17.30
C VAL A 62 16.10 -9.03 -17.08
N ILE A 63 15.89 -9.88 -16.09
CA ILE A 63 16.85 -10.97 -15.79
C ILE A 63 16.15 -12.32 -15.93
N SER A 64 14.90 -12.36 -16.38
CA SER A 64 14.17 -13.64 -16.53
C SER A 64 13.67 -13.81 -17.96
N ASP A 65 13.32 -15.04 -18.33
CA ASP A 65 12.91 -15.44 -19.70
C ASP A 65 11.43 -15.84 -19.71
N GLY A 66 10.73 -15.83 -18.58
CA GLY A 66 9.28 -16.08 -18.53
C GLY A 66 8.93 -17.44 -17.98
N SER A 67 9.88 -18.38 -17.91
CA SER A 67 9.61 -19.76 -17.41
C SER A 67 9.32 -19.79 -15.91
N GLU A 68 9.57 -18.67 -15.19
CA GLU A 68 9.29 -18.51 -13.73
C GLU A 68 7.79 -18.25 -13.52
N ASP A 69 7.11 -17.83 -14.59
CA ASP A 69 5.67 -17.46 -14.56
C ASP A 69 4.83 -18.55 -13.91
N ARG A 70 3.82 -18.14 -13.16
CA ARG A 70 2.89 -19.12 -12.55
C ARG A 70 2.14 -19.87 -13.67
N LEU A 71 1.87 -21.15 -13.45
CA LEU A 71 1.06 -22.00 -14.37
C LEU A 71 -0.36 -22.07 -13.79
N GLU A 72 -1.35 -22.32 -14.64
CA GLU A 72 -2.80 -22.41 -14.25
C GLU A 72 -2.98 -23.61 -13.31
N THR A 73 -2.18 -24.66 -13.49
CA THR A 73 -2.22 -25.94 -12.73
C THR A 73 -1.60 -25.76 -11.32
N ASP A 74 -0.83 -24.68 -11.10
CA ASP A 74 0.00 -24.49 -9.88
C ASP A 74 -0.87 -24.29 -8.63
N THR A 75 -0.41 -24.82 -7.49
CA THR A 75 -0.76 -24.25 -6.16
C THR A 75 0.11 -23.01 -5.92
N MET A 76 -0.31 -22.14 -5.00
CA MET A 76 0.45 -20.93 -4.65
C MET A 76 1.89 -21.32 -4.27
N ARG A 77 2.04 -22.34 -3.42
CA ARG A 77 3.34 -22.87 -2.95
C ARG A 77 4.21 -23.23 -4.15
N GLN A 78 3.62 -23.93 -5.13
CA GLN A 78 4.32 -24.40 -6.35
C GLN A 78 4.77 -23.17 -7.13
N THR A 79 3.88 -22.19 -7.26
CA THR A 79 4.18 -20.92 -7.97
C THR A 79 5.38 -20.24 -7.30
N LEU A 80 5.34 -20.18 -5.96
CA LEU A 80 6.35 -19.50 -5.11
C LEU A 80 7.65 -20.29 -5.22
N ASP A 81 7.59 -21.62 -5.18
CA ASP A 81 8.81 -22.46 -5.29
C ASP A 81 9.49 -22.20 -6.63
N ARG A 82 8.77 -22.33 -7.75
CA ARG A 82 9.36 -22.12 -9.10
C ARG A 82 9.91 -20.69 -9.21
N PHE A 83 9.16 -19.70 -8.73
CA PHE A 83 9.59 -18.27 -8.76
C PHE A 83 10.91 -18.12 -8.01
N ARG A 84 11.00 -18.66 -6.80
CA ARG A 84 12.19 -18.52 -5.94
C ARG A 84 13.38 -19.22 -6.61
N GLN A 85 13.22 -20.46 -7.02
CA GLN A 85 14.34 -21.28 -7.58
C GLN A 85 14.89 -20.58 -8.82
N LYS A 86 14.01 -20.21 -9.75
CA LYS A 86 14.41 -19.62 -11.05
C LYS A 86 14.95 -18.22 -10.80
N MET A 87 14.28 -17.39 -9.99
CA MET A 87 14.70 -15.99 -9.84
C MET A 87 16.00 -15.96 -9.03
N THR A 88 16.24 -16.92 -8.15
CA THR A 88 17.54 -17.03 -7.42
C THR A 88 18.65 -17.15 -8.46
N LYS A 89 18.51 -18.13 -9.35
CA LYS A 89 19.48 -18.41 -10.45
C LYS A 89 19.64 -17.15 -11.30
N ASN A 90 18.52 -16.54 -11.72
CA ASN A 90 18.51 -15.33 -12.59
C ASN A 90 19.32 -14.21 -11.90
N LEU A 91 19.08 -13.98 -10.62
CA LEU A 91 19.77 -12.89 -9.88
C LEU A 91 21.26 -13.22 -9.83
N GLU A 92 21.58 -14.48 -9.56
CA GLU A 92 22.98 -14.98 -9.47
C GLU A 92 23.71 -14.69 -10.79
N ASP A 93 23.11 -15.11 -11.91
CA ASP A 93 23.68 -14.89 -13.27
C ASP A 93 23.83 -13.39 -13.49
N PHE A 94 22.85 -12.58 -13.09
CA PHE A 94 22.86 -11.11 -13.31
C PHE A 94 24.02 -10.47 -12.53
N LEU A 95 24.18 -10.82 -11.25
CA LEU A 95 25.18 -10.20 -10.34
C LEU A 95 26.57 -10.74 -10.76
N GLN A 96 26.62 -11.94 -11.27
CA GLN A 96 27.89 -12.55 -11.74
C GLN A 96 28.49 -11.57 -12.75
N LYS A 97 27.68 -11.07 -13.69
CA LYS A 97 28.06 -10.05 -14.70
C LYS A 97 28.23 -8.68 -14.02
N ALA A 98 27.22 -8.22 -13.28
CA ALA A 98 27.18 -6.82 -12.80
C ALA A 98 28.30 -6.57 -11.79
N MET A 99 28.63 -7.53 -10.91
CA MET A 99 29.57 -7.26 -9.79
C MET A 99 31.01 -7.11 -10.32
N VAL A 100 31.34 -7.70 -11.46
CA VAL A 100 32.74 -7.67 -12.00
C VAL A 100 32.83 -6.60 -13.07
N SER A 101 31.79 -5.79 -13.27
CA SER A 101 31.79 -4.73 -14.31
C SER A 101 32.52 -3.49 -13.77
N SER A 102 32.68 -2.49 -14.65
CA SER A 102 33.36 -1.20 -14.38
C SER A 102 32.58 -0.37 -13.33
N ASN A 103 31.25 -0.33 -13.39
CA ASN A 103 30.45 0.33 -12.34
C ASN A 103 29.47 -0.67 -11.74
N PRO A 104 29.90 -1.43 -10.71
CA PRO A 104 29.07 -2.46 -10.11
C PRO A 104 28.03 -1.81 -9.20
N PRO A 105 26.84 -2.40 -9.00
CA PRO A 105 25.86 -1.82 -8.07
C PRO A 105 26.45 -1.81 -6.64
N LYS A 106 26.06 -0.84 -5.82
CA LYS A 106 26.57 -0.68 -4.43
C LYS A 106 25.56 -1.28 -3.45
N PHE A 107 24.32 -1.49 -3.86
CA PHE A 107 23.23 -1.95 -2.95
C PHE A 107 22.15 -2.72 -3.72
N ILE A 108 21.42 -3.58 -3.02
CA ILE A 108 20.15 -4.13 -3.60
C ILE A 108 19.04 -3.91 -2.57
N LEU A 109 18.03 -3.17 -2.98
CA LEU A 109 16.81 -2.88 -2.18
C LEU A 109 15.72 -3.80 -2.73
N TYR A 110 15.24 -4.77 -1.98
CA TYR A 110 14.32 -5.82 -2.51
C TYR A 110 13.07 -5.87 -1.64
N ASP A 111 11.96 -6.31 -2.23
CA ASP A 111 10.67 -6.42 -1.52
C ASP A 111 10.85 -7.47 -0.43
N SER A 112 10.31 -7.19 0.76
CA SER A 112 10.45 -8.03 1.95
C SER A 112 9.83 -9.40 1.68
N THR A 113 8.92 -9.51 0.72
CA THR A 113 8.21 -10.78 0.37
C THR A 113 9.17 -11.69 -0.41
N MET A 114 10.40 -11.26 -0.67
CA MET A 114 11.45 -12.10 -1.32
C MET A 114 12.70 -12.14 -0.45
N PRO A 115 12.64 -12.73 0.77
CA PRO A 115 13.80 -12.77 1.67
C PRO A 115 15.02 -13.53 1.14
N TRP A 116 14.82 -14.49 0.22
CA TRP A 116 15.90 -15.27 -0.43
C TRP A 116 16.87 -14.36 -1.19
N VAL A 117 16.46 -13.15 -1.55
CA VAL A 117 17.37 -12.16 -2.18
C VAL A 117 18.56 -11.89 -1.24
N LEU A 118 18.32 -11.77 0.06
CA LEU A 118 19.42 -11.46 1.04
C LEU A 118 20.52 -12.51 0.93
N GLU A 119 20.17 -13.78 0.83
CA GLU A 119 21.15 -14.90 0.79
C GLU A 119 21.99 -14.77 -0.48
N VAL A 120 21.40 -14.35 -1.60
CA VAL A 120 22.17 -14.14 -2.84
C VAL A 120 23.10 -12.94 -2.66
N ALA A 121 22.63 -11.82 -2.14
CA ALA A 121 23.48 -10.63 -1.89
C ALA A 121 24.64 -10.99 -0.94
N LYS A 122 24.38 -11.82 0.06
CA LYS A 122 25.39 -12.23 1.08
C LYS A 122 26.57 -12.94 0.40
N GLU A 123 26.25 -13.84 -0.53
CA GLU A 123 27.24 -14.59 -1.34
C GLU A 123 28.17 -13.63 -2.09
N PHE A 124 27.63 -12.58 -2.72
CA PHE A 124 28.40 -11.63 -3.56
C PHE A 124 28.97 -10.51 -2.70
N GLY A 125 28.67 -10.48 -1.40
CA GLY A 125 29.11 -9.39 -0.51
C GLY A 125 28.53 -8.07 -0.95
N LEU A 126 27.26 -8.10 -1.36
CA LEU A 126 26.52 -6.89 -1.84
C LEU A 126 25.63 -6.39 -0.71
N ASP A 127 25.78 -5.12 -0.32
CA ASP A 127 24.95 -4.46 0.72
C ASP A 127 23.47 -4.61 0.32
N ARG A 128 22.57 -4.90 1.27
CA ARG A 128 21.16 -5.23 0.95
C ARG A 128 20.22 -4.79 2.06
N ALA A 129 18.96 -4.59 1.69
CA ALA A 129 17.88 -4.24 2.63
C ALA A 129 16.54 -4.64 2.08
N PRO A 130 15.69 -5.29 2.90
CA PRO A 130 14.32 -5.55 2.53
C PRO A 130 13.50 -4.26 2.59
N PHE A 131 12.42 -4.19 1.82
CA PHE A 131 11.48 -3.06 1.90
C PHE A 131 10.11 -3.58 2.31
N TYR A 132 9.64 -3.22 3.51
CA TYR A 132 8.28 -3.59 4.01
C TYR A 132 7.29 -2.55 3.52
N THR A 133 6.50 -2.85 2.48
CA THR A 133 5.63 -1.86 1.79
C THR A 133 4.29 -1.70 2.51
N GLN A 134 3.98 -2.52 3.48
CA GLN A 134 2.71 -2.39 4.27
C GLN A 134 3.03 -1.66 5.56
N SER A 135 2.08 -1.56 6.48
CA SER A 135 2.20 -0.77 7.73
C SER A 135 3.23 -1.41 8.68
N CYS A 136 3.80 -0.62 9.58
CA CYS A 136 4.66 -1.13 10.64
C CYS A 136 3.86 -2.02 11.59
N ALA A 137 2.57 -1.71 11.78
CA ALA A 137 1.67 -2.52 12.62
C ALA A 137 1.71 -3.97 12.12
N LEU A 138 1.62 -4.16 10.80
CA LEU A 138 1.65 -5.52 10.21
C LEU A 138 3.00 -6.19 10.49
N ASN A 139 4.08 -5.41 10.55
CA ASN A 139 5.42 -5.95 10.87
C ASN A 139 5.37 -6.61 12.25
N SER A 140 4.77 -5.93 13.23
CA SER A 140 4.60 -6.42 14.63
C SER A 140 3.77 -7.70 14.63
N ILE A 141 2.63 -7.71 13.94
CA ILE A 141 1.72 -8.88 13.87
C ILE A 141 2.48 -10.06 13.25
N ASN A 142 3.06 -9.86 12.07
CA ASN A 142 3.71 -10.97 11.35
C ASN A 142 4.91 -11.46 12.16
N TYR A 143 5.65 -10.54 12.78
CA TYR A 143 6.83 -10.93 13.60
C TYR A 143 6.36 -11.80 14.76
N HIS A 144 5.29 -11.40 15.44
CA HIS A 144 4.79 -12.11 16.65
C HIS A 144 4.13 -13.43 16.27
N VAL A 145 3.60 -13.55 15.05
CA VAL A 145 3.09 -14.86 14.54
C VAL A 145 4.30 -15.76 14.25
N LEU A 146 5.41 -15.21 13.76
CA LEU A 146 6.66 -15.96 13.46
C LEU A 146 7.23 -16.54 14.77
N HIS A 147 7.27 -15.76 15.85
CA HIS A 147 7.99 -16.12 17.09
C HIS A 147 7.06 -16.84 18.08
N GLY A 148 5.76 -16.95 17.80
CA GLY A 148 4.84 -17.82 18.56
C GLY A 148 4.05 -17.12 19.67
N GLN A 149 4.16 -15.80 19.83
CA GLN A 149 3.35 -15.03 20.82
C GLN A 149 1.96 -14.70 20.25
N LEU A 150 1.74 -14.96 18.95
CA LEU A 150 0.43 -14.80 18.27
C LEU A 150 0.22 -16.03 17.39
N LYS A 151 -0.96 -16.64 17.41
CA LYS A 151 -1.26 -17.84 16.57
C LYS A 151 -2.16 -17.47 15.40
N LEU A 152 -2.19 -18.33 14.37
CA LEU A 152 -3.03 -18.16 13.16
C LEU A 152 -4.50 -18.11 13.56
N PRO A 153 -4.94 -18.94 14.55
CA PRO A 153 -6.23 -18.73 15.20
C PRO A 153 -5.87 -18.00 16.48
N PRO A 154 -6.31 -16.74 16.69
CA PRO A 154 -5.99 -16.04 17.94
C PRO A 154 -6.43 -16.84 19.16
N GLU A 155 -5.54 -16.98 20.15
CA GLU A 155 -5.67 -17.85 21.34
C GLU A 155 -6.45 -17.12 22.45
N THR A 156 -6.86 -15.87 22.24
CA THR A 156 -7.52 -15.01 23.27
C THR A 156 -8.46 -14.02 22.61
N PRO A 157 -9.34 -13.37 23.39
CA PRO A 157 -10.30 -12.42 22.85
C PRO A 157 -9.75 -11.00 22.68
N THR A 158 -8.62 -10.70 23.32
CA THR A 158 -7.93 -9.40 23.15
C THR A 158 -6.44 -9.68 22.96
N ILE A 159 -5.81 -9.06 21.97
CA ILE A 159 -4.37 -9.25 21.63
C ILE A 159 -3.65 -7.96 22.01
N SER A 160 -2.68 -8.04 22.90
CA SER A 160 -1.95 -6.87 23.44
C SER A 160 -0.46 -7.05 23.15
N LEU A 161 -0.02 -6.69 21.95
CA LEU A 161 1.41 -6.85 21.55
C LEU A 161 2.12 -5.64 22.12
N PRO A 162 3.43 -5.74 22.38
CA PRO A 162 4.22 -4.62 22.88
C PRO A 162 4.13 -3.41 21.94
N SER A 163 3.97 -2.21 22.52
CA SER A 163 3.91 -0.92 21.82
C SER A 163 2.79 -0.87 20.77
N MET A 164 1.77 -1.71 20.89
CA MET A 164 0.67 -1.75 19.91
C MET A 164 -0.63 -1.38 20.61
N PRO A 165 -1.63 -0.83 19.88
CA PRO A 165 -2.97 -0.68 20.42
C PRO A 165 -3.60 -2.07 20.58
N LEU A 166 -4.56 -2.18 21.49
CA LEU A 166 -5.31 -3.43 21.71
C LEU A 166 -6.00 -3.84 20.40
N LEU A 167 -5.97 -5.12 20.10
CA LEU A 167 -6.55 -5.70 18.88
C LEU A 167 -7.50 -6.84 19.25
N ARG A 168 -8.74 -6.77 18.77
CA ARG A 168 -9.70 -7.91 18.74
C ARG A 168 -9.25 -8.86 17.63
N PRO A 169 -9.67 -10.15 17.63
CA PRO A 169 -9.39 -11.05 16.51
C PRO A 169 -9.87 -10.55 15.14
N SER A 170 -10.99 -9.82 15.10
CA SER A 170 -11.58 -9.22 13.89
C SER A 170 -10.66 -8.12 13.32
N ASP A 171 -9.78 -7.55 14.14
CA ASP A 171 -8.80 -6.50 13.71
C ASP A 171 -7.57 -7.11 13.06
N LEU A 172 -7.38 -8.43 13.13
CA LEU A 172 -6.14 -9.04 12.62
C LEU A 172 -6.32 -9.36 11.14
N PRO A 173 -5.21 -9.44 10.38
CA PRO A 173 -5.28 -9.74 8.95
C PRO A 173 -5.98 -11.08 8.71
N ALA A 174 -6.94 -11.09 7.77
CA ALA A 174 -7.74 -12.28 7.41
C ALA A 174 -7.31 -12.74 6.01
N TYR A 175 -6.51 -13.79 5.94
CA TYR A 175 -6.00 -14.35 4.66
C TYR A 175 -6.69 -15.68 4.40
N ASP A 176 -7.92 -15.86 4.91
CA ASP A 176 -8.58 -17.19 4.81
C ASP A 176 -9.61 -17.11 3.69
N PHE A 177 -9.57 -16.07 2.86
CA PHE A 177 -10.44 -15.97 1.66
C PHE A 177 -10.27 -17.24 0.82
N ASP A 178 -9.02 -17.59 0.50
CA ASP A 178 -8.71 -18.89 -0.14
C ASP A 178 -8.07 -19.80 0.89
N PRO A 179 -8.85 -20.64 1.61
CA PRO A 179 -8.32 -21.53 2.63
C PRO A 179 -7.15 -22.42 2.17
N ALA A 180 -7.15 -22.86 0.90
CA ALA A 180 -6.06 -23.65 0.27
C ALA A 180 -4.72 -22.87 0.34
N SER A 181 -4.75 -21.55 0.15
CA SER A 181 -3.54 -20.69 0.11
C SER A 181 -3.19 -20.12 1.49
N THR A 182 -4.06 -20.26 2.49
CA THR A 182 -3.90 -19.55 3.79
C THR A 182 -2.55 -19.92 4.40
N ASP A 183 -2.24 -21.21 4.53
CA ASP A 183 -0.98 -21.69 5.15
C ASP A 183 0.22 -21.11 4.42
N THR A 184 0.22 -21.17 3.08
CA THR A 184 1.34 -20.69 2.25
C THR A 184 1.54 -19.18 2.45
N ILE A 185 0.46 -18.40 2.56
CA ILE A 185 0.51 -16.91 2.68
C ILE A 185 1.10 -16.57 4.05
N ILE A 186 0.66 -17.25 5.09
CA ILE A 186 1.17 -17.03 6.48
C ILE A 186 2.66 -17.35 6.53
N ASP A 187 3.06 -18.44 5.88
CA ASP A 187 4.49 -18.81 5.86
C ASP A 187 5.30 -17.70 5.17
N LEU A 188 4.81 -17.19 4.04
CA LEU A 188 5.51 -16.15 3.23
C LEU A 188 5.67 -14.90 4.10
N LEU A 189 4.60 -14.47 4.77
CA LEU A 189 4.60 -13.22 5.56
C LEU A 189 5.55 -13.35 6.76
N THR A 190 5.56 -14.49 7.46
CA THR A 190 6.41 -14.69 8.66
C THR A 190 7.88 -14.82 8.22
N SER A 191 8.15 -15.41 7.05
CA SER A 191 9.54 -15.60 6.54
C SER A 191 10.18 -14.24 6.17
N GLN A 192 9.39 -13.17 6.14
CA GLN A 192 9.91 -11.80 5.86
C GLN A 192 10.80 -11.31 7.00
N TYR A 193 10.74 -11.90 8.19
CA TYR A 193 11.48 -11.41 9.39
C TYR A 193 12.53 -12.44 9.85
N SER A 194 12.77 -13.54 9.13
CA SER A 194 13.63 -14.65 9.59
C SER A 194 15.13 -14.30 9.49
N ASN A 195 15.58 -13.61 8.44
CA ASN A 195 17.02 -13.42 8.14
C ASN A 195 17.45 -11.94 8.30
N ILE A 196 16.71 -11.12 9.03
CA ILE A 196 16.92 -9.64 9.08
C ILE A 196 18.25 -9.29 9.77
N GLN A 197 18.84 -10.19 10.53
CA GLN A 197 20.16 -9.99 11.21
C GLN A 197 21.24 -9.62 10.16
N ASP A 198 21.10 -10.04 8.91
CA ASP A 198 22.09 -9.80 7.83
C ASP A 198 21.60 -8.66 6.91
N ALA A 199 20.49 -7.99 7.24
CA ALA A 199 20.03 -6.84 6.46
C ALA A 199 20.80 -5.59 6.91
N ASN A 200 21.36 -4.82 5.95
CA ASN A 200 22.05 -3.54 6.26
C ASN A 200 21.04 -2.61 6.94
N LEU A 201 19.83 -2.53 6.42
CA LEU A 201 18.73 -1.63 6.90
C LEU A 201 17.39 -2.37 6.75
N LEU A 202 16.35 -1.90 7.43
CA LEU A 202 14.97 -2.34 7.20
C LEU A 202 14.13 -1.12 6.82
N PHE A 203 13.74 -1.01 5.56
CA PHE A 203 12.97 0.16 5.06
C PHE A 203 11.48 -0.12 5.26
N CYS A 204 10.71 0.90 5.60
CA CYS A 204 9.27 0.78 5.93
C CYS A 204 8.49 1.88 5.24
N ASN A 205 7.39 1.49 4.58
CA ASN A 205 6.48 2.43 3.87
C ASN A 205 5.53 3.04 4.90
N THR A 206 6.05 3.96 5.71
CA THR A 206 5.27 4.67 6.74
C THR A 206 6.08 5.89 7.18
N PHE A 207 5.58 6.65 8.12
CA PHE A 207 6.33 7.79 8.73
C PHE A 207 6.20 7.74 10.26
N ASP A 208 7.15 8.42 10.93
CA ASP A 208 7.38 8.33 12.40
C ASP A 208 6.14 8.82 13.16
N LYS A 209 5.49 9.87 12.70
CA LYS A 209 4.35 10.43 13.45
C LYS A 209 3.14 9.50 13.35
N LEU A 210 3.07 8.64 12.33
CA LEU A 210 1.90 7.76 12.13
C LEU A 210 2.05 6.48 12.98
N GLU A 211 3.23 5.87 13.10
CA GLU A 211 3.42 4.60 13.82
C GLU A 211 4.67 4.68 14.71
N GLY A 212 4.91 5.82 15.36
CA GLY A 212 6.17 6.12 16.09
C GLY A 212 6.56 5.03 17.09
N GLU A 213 5.69 4.68 18.02
CA GLU A 213 5.98 3.64 19.03
C GLU A 213 6.18 2.27 18.37
N ILE A 214 5.40 1.93 17.34
CA ILE A 214 5.52 0.60 16.68
C ILE A 214 6.89 0.55 16.02
N ILE A 215 7.29 1.65 15.39
CA ILE A 215 8.63 1.81 14.73
C ILE A 215 9.71 1.65 15.79
N GLN A 216 9.54 2.28 16.95
CA GLN A 216 10.56 2.18 18.04
C GLN A 216 10.65 0.72 18.49
N TRP A 217 9.51 0.03 18.63
CA TRP A 217 9.56 -1.42 18.95
C TRP A 217 10.40 -2.16 17.89
N MET A 218 10.21 -1.85 16.60
CA MET A 218 10.90 -2.61 15.52
C MET A 218 12.42 -2.40 15.59
N GLU A 219 12.83 -1.20 16.00
CA GLU A 219 14.27 -0.83 16.19
C GLU A 219 14.94 -1.69 17.26
N THR A 220 14.18 -2.35 18.14
CA THR A 220 14.73 -3.19 19.23
C THR A 220 15.08 -4.57 18.69
N LEU A 221 14.82 -4.85 17.41
CA LEU A 221 15.17 -6.17 16.83
C LEU A 221 16.65 -6.21 16.41
N GLY A 222 17.37 -5.09 16.50
CA GLY A 222 18.84 -5.04 16.36
C GLY A 222 19.30 -4.39 15.07
N ARG A 223 18.40 -3.98 14.19
CA ARG A 223 18.80 -3.41 12.86
C ARG A 223 18.29 -1.99 12.75
N PRO A 224 19.00 -1.10 12.02
CA PRO A 224 18.53 0.24 11.68
C PRO A 224 17.26 0.15 10.83
N VAL A 225 16.19 0.76 11.32
CA VAL A 225 14.88 0.89 10.60
C VAL A 225 14.83 2.26 9.95
N LYS A 226 14.56 2.34 8.66
CA LYS A 226 14.44 3.64 7.94
C LYS A 226 13.02 3.78 7.45
N THR A 227 12.23 4.64 8.09
CA THR A 227 10.88 4.98 7.63
C THR A 227 11.04 5.94 6.46
N VAL A 228 10.46 5.63 5.30
CA VAL A 228 10.70 6.46 4.10
C VAL A 228 9.38 6.85 3.44
N GLY A 229 8.27 6.65 4.11
CA GLY A 229 6.94 6.83 3.52
C GLY A 229 6.37 8.20 3.88
N PRO A 230 5.14 8.51 3.41
CA PRO A 230 4.38 7.66 2.49
C PRO A 230 4.94 7.76 1.06
N THR A 231 4.83 6.71 0.25
CA THR A 231 5.35 6.71 -1.13
C THR A 231 4.25 7.22 -2.08
N VAL A 232 3.57 8.30 -1.72
CA VAL A 232 2.55 8.98 -2.58
C VAL A 232 3.27 10.04 -3.40
N PRO A 233 2.93 10.29 -4.69
CA PRO A 233 3.72 11.20 -5.51
C PRO A 233 3.92 12.57 -4.84
N SER A 234 5.13 13.13 -4.98
CA SER A 234 5.55 14.41 -4.34
C SER A 234 4.52 15.50 -4.64
N ALA A 235 4.02 15.56 -5.87
CA ALA A 235 3.08 16.62 -6.31
C ALA A 235 1.93 16.77 -5.32
N TYR A 236 1.62 15.72 -4.58
CA TYR A 236 0.49 15.80 -3.62
C TYR A 236 0.99 16.06 -2.21
N LEU A 237 2.27 16.36 -2.04
CA LEU A 237 2.81 16.57 -0.68
C LEU A 237 3.80 17.72 -0.62
N ASP A 238 5.10 17.41 -0.65
CA ASP A 238 6.18 18.41 -0.53
C ASP A 238 6.42 19.09 -1.87
N LYS A 239 6.02 18.46 -2.97
CA LYS A 239 6.17 19.02 -4.33
C LYS A 239 7.64 19.41 -4.59
N ARG A 240 8.57 18.55 -4.23
CA ARG A 240 10.00 18.86 -4.44
C ARG A 240 10.56 18.02 -5.57
N VAL A 241 9.92 16.94 -5.96
CA VAL A 241 10.58 16.16 -7.05
C VAL A 241 9.85 16.40 -8.38
N GLU A 242 10.60 16.94 -9.32
CA GLU A 242 10.18 17.29 -10.70
C GLU A 242 9.22 16.23 -11.23
N ASN A 243 8.03 16.66 -11.65
CA ASN A 243 6.94 15.77 -12.12
C ASN A 243 6.47 14.95 -10.91
N ASP A 244 6.58 13.62 -10.95
CA ASP A 244 6.09 12.76 -9.85
C ASP A 244 4.65 13.15 -9.52
N LYS A 245 3.76 12.99 -10.48
CA LYS A 245 2.32 13.32 -10.29
C LYS A 245 1.53 12.01 -10.28
N HIS A 246 2.15 10.93 -10.74
CA HIS A 246 1.44 9.63 -10.66
C HIS A 246 2.43 8.51 -10.40
N TYR A 247 1.91 7.31 -10.20
CA TYR A 247 2.72 6.11 -9.96
C TYR A 247 3.20 5.58 -11.31
N GLY A 248 4.16 4.65 -11.28
CA GLY A 248 4.79 4.10 -12.50
C GLY A 248 5.68 5.14 -13.17
N ASN A 255 -4.96 10.10 -18.18
CA ASN A 255 -6.09 9.68 -19.05
C ASN A 255 -7.14 10.80 -19.07
N GLU A 256 -7.94 10.85 -20.14
CA GLU A 256 -9.04 11.83 -20.31
C GLU A 256 -10.00 11.64 -19.13
N ASP A 257 -10.15 12.66 -18.27
CA ASP A 257 -11.00 12.56 -17.06
C ASP A 257 -12.24 13.44 -17.21
N VAL A 258 -13.33 12.99 -16.58
CA VAL A 258 -14.68 13.64 -16.52
C VAL A 258 -15.02 13.90 -15.05
N CYS A 259 -14.47 13.08 -14.14
CA CYS A 259 -14.70 13.15 -12.67
C CYS A 259 -14.43 14.58 -12.20
N LEU A 260 -13.35 15.21 -12.67
CA LEU A 260 -12.92 16.51 -12.12
C LEU A 260 -13.97 17.59 -12.42
N LYS A 261 -14.50 17.60 -13.64
CA LYS A 261 -15.53 18.60 -14.06
C LYS A 261 -16.78 18.44 -13.19
N TRP A 262 -17.29 17.21 -13.07
CA TRP A 262 -18.47 16.87 -12.25
C TRP A 262 -18.28 17.35 -10.79
N LEU A 263 -17.09 17.15 -10.24
CA LEU A 263 -16.75 17.58 -8.86
C LEU A 263 -16.74 19.12 -8.78
N ASP A 264 -16.35 19.83 -9.83
CA ASP A 264 -16.18 21.32 -9.83
C ASP A 264 -17.49 22.04 -9.47
N SER A 265 -18.64 21.45 -9.83
CA SER A 265 -19.99 22.04 -9.65
C SER A 265 -20.52 21.76 -8.25
N LYS A 266 -19.81 20.96 -7.46
CA LYS A 266 -20.34 20.53 -6.13
C LYS A 266 -19.77 21.45 -5.08
N PRO A 267 -20.52 21.69 -4.00
CA PRO A 267 -20.01 22.53 -2.91
C PRO A 267 -18.82 21.82 -2.24
N SER A 268 -17.92 22.63 -1.72
CA SER A 268 -16.69 22.19 -1.02
C SER A 268 -17.04 21.14 0.04
N GLY A 269 -16.32 20.02 0.08
CA GLY A 269 -16.41 18.99 1.13
C GLY A 269 -17.75 18.27 1.17
N SER A 270 -18.54 18.29 0.10
CA SER A 270 -19.93 17.76 0.10
C SER A 270 -19.99 16.35 -0.48
N VAL A 271 -18.98 15.93 -1.27
CA VAL A 271 -19.07 14.69 -2.08
C VAL A 271 -18.44 13.50 -1.35
N LEU A 272 -19.09 12.33 -1.42
CA LEU A 272 -18.50 11.06 -0.96
C LEU A 272 -17.79 10.36 -2.13
N TYR A 273 -16.49 10.18 -2.07
CA TYR A 273 -15.76 9.37 -3.08
C TYR A 273 -15.84 7.90 -2.65
N VAL A 274 -16.33 7.03 -3.53
CA VAL A 274 -16.49 5.59 -3.22
C VAL A 274 -15.53 4.77 -4.08
N SER A 275 -14.69 3.97 -3.43
CA SER A 275 -13.84 2.94 -4.09
C SER A 275 -13.58 1.80 -3.12
N TYR A 276 -14.09 0.58 -3.39
CA TYR A 276 -13.89 -0.56 -2.47
C TYR A 276 -12.75 -1.44 -2.98
N GLY A 277 -11.90 -0.88 -3.83
CA GLY A 277 -10.67 -1.54 -4.34
C GLY A 277 -10.81 -2.03 -5.77
N SER A 278 -9.73 -1.92 -6.54
CA SER A 278 -9.66 -2.26 -7.98
C SER A 278 -9.37 -3.75 -8.18
N LEU A 279 -9.15 -4.50 -7.11
CA LEU A 279 -8.92 -5.98 -7.15
C LEU A 279 -9.97 -6.72 -6.33
N VAL A 280 -10.75 -6.03 -5.52
CA VAL A 280 -11.75 -6.67 -4.62
C VAL A 280 -12.98 -7.05 -5.45
N GLU A 281 -13.45 -8.27 -5.31
CA GLU A 281 -14.74 -8.72 -5.89
C GLU A 281 -15.79 -8.60 -4.79
N MET A 282 -17.03 -8.32 -5.12
CA MET A 282 -18.08 -8.19 -4.08
C MET A 282 -19.33 -8.93 -4.53
N GLY A 283 -20.08 -9.45 -3.55
CA GLY A 283 -21.35 -10.18 -3.78
C GLY A 283 -22.44 -9.23 -4.18
N GLU A 284 -23.39 -9.70 -4.99
CA GLU A 284 -24.57 -8.93 -5.44
C GLU A 284 -25.33 -8.43 -4.22
N GLU A 285 -25.47 -9.29 -3.21
CA GLU A 285 -26.22 -8.98 -1.97
C GLU A 285 -25.57 -7.76 -1.30
N GLN A 286 -24.29 -7.86 -0.96
CA GLN A 286 -23.54 -6.77 -0.26
C GLN A 286 -23.45 -5.55 -1.19
N LEU A 287 -23.22 -5.76 -2.48
CA LEU A 287 -23.08 -4.64 -3.46
C LEU A 287 -24.43 -3.91 -3.56
N LYS A 288 -25.55 -4.62 -3.38
CA LYS A 288 -26.92 -4.03 -3.40
C LYS A 288 -27.12 -3.15 -2.16
N GLU A 289 -26.71 -3.64 -0.99
CA GLU A 289 -26.87 -2.92 0.31
C GLU A 289 -26.01 -1.66 0.27
N LEU A 290 -24.80 -1.76 -0.29
CA LEU A 290 -23.82 -0.65 -0.35
C LEU A 290 -24.37 0.44 -1.25
N ALA A 291 -24.78 0.06 -2.45
CA ALA A 291 -25.38 0.97 -3.45
C ALA A 291 -26.59 1.67 -2.83
N LEU A 292 -27.51 0.91 -2.22
CA LEU A 292 -28.76 1.49 -1.64
C LEU A 292 -28.41 2.34 -0.44
N GLY A 293 -27.45 1.90 0.38
CA GLY A 293 -27.03 2.65 1.58
C GLY A 293 -26.48 4.01 1.18
N ILE A 294 -25.67 4.05 0.12
CA ILE A 294 -25.07 5.33 -0.35
C ILE A 294 -26.21 6.24 -0.83
N LYS A 295 -27.18 5.67 -1.54
CA LYS A 295 -28.32 6.43 -2.11
C LYS A 295 -29.15 7.04 -0.97
N GLU A 296 -29.38 6.28 0.10
CA GLU A 296 -30.25 6.72 1.24
C GLU A 296 -29.69 7.98 1.93
N THR A 297 -28.38 8.24 1.88
CA THR A 297 -27.75 9.41 2.53
C THR A 297 -28.21 10.67 1.81
N GLY A 298 -28.54 10.56 0.52
CA GLY A 298 -28.94 11.70 -0.32
C GLY A 298 -27.79 12.64 -0.64
N LYS A 299 -26.54 12.21 -0.42
CA LYS A 299 -25.34 13.05 -0.66
C LYS A 299 -24.82 12.80 -2.09
N PHE A 300 -24.25 13.82 -2.69
CA PHE A 300 -23.44 13.73 -3.92
C PHE A 300 -22.35 12.68 -3.71
N PHE A 301 -22.22 11.73 -4.62
CA PHE A 301 -21.19 10.69 -4.55
C PHE A 301 -20.65 10.35 -5.94
N LEU A 302 -19.36 10.05 -5.98
CA LEU A 302 -18.59 9.63 -7.16
C LEU A 302 -18.08 8.24 -6.85
N TRP A 303 -18.62 7.23 -7.52
CA TRP A 303 -18.26 5.81 -7.31
C TRP A 303 -17.51 5.29 -8.51
N VAL A 304 -16.23 4.93 -8.32
CA VAL A 304 -15.38 4.25 -9.33
C VAL A 304 -15.43 2.73 -9.10
N VAL A 305 -15.99 1.99 -10.04
CA VAL A 305 -16.12 0.51 -9.97
C VAL A 305 -15.88 -0.04 -11.38
N ARG A 306 -15.09 -1.10 -11.50
CA ARG A 306 -14.67 -1.65 -12.80
C ARG A 306 -15.83 -2.44 -13.42
N ASP A 307 -15.77 -2.60 -14.75
CA ASP A 307 -16.81 -3.21 -15.63
C ASP A 307 -17.36 -4.50 -15.00
N THR A 308 -16.52 -5.47 -14.64
CA THR A 308 -16.99 -6.80 -14.17
C THR A 308 -17.76 -6.63 -12.86
N GLU A 309 -17.43 -5.60 -12.06
CA GLU A 309 -18.08 -5.32 -10.76
C GLU A 309 -19.35 -4.51 -11.01
N ALA A 310 -19.27 -3.56 -11.95
CA ALA A 310 -20.37 -2.62 -12.24
C ALA A 310 -21.59 -3.41 -12.75
N GLU A 311 -21.38 -4.58 -13.37
CA GLU A 311 -22.48 -5.43 -13.93
C GLU A 311 -23.30 -6.06 -12.80
N LYS A 312 -22.75 -6.16 -11.60
CA LYS A 312 -23.42 -6.83 -10.46
C LYS A 312 -24.23 -5.82 -9.65
N LEU A 313 -24.42 -4.59 -10.14
CA LEU A 313 -25.19 -3.55 -9.42
C LEU A 313 -26.66 -3.86 -9.59
N PRO A 314 -27.55 -3.37 -8.69
CA PRO A 314 -28.99 -3.49 -8.89
C PRO A 314 -29.42 -2.89 -10.23
N PRO A 315 -30.32 -3.59 -10.97
CA PRO A 315 -30.80 -3.15 -12.29
C PRO A 315 -30.92 -1.65 -12.58
N ASN A 316 -31.69 -0.88 -11.82
CA ASN A 316 -31.96 0.53 -12.19
C ASN A 316 -31.17 1.46 -11.27
N PHE A 317 -30.11 0.95 -10.62
CA PHE A 317 -29.42 1.71 -9.54
C PHE A 317 -28.84 3.00 -10.13
N VAL A 318 -28.00 2.88 -11.16
CA VAL A 318 -27.28 4.04 -11.78
C VAL A 318 -28.31 5.08 -12.24
N GLU A 319 -29.35 4.59 -12.93
CA GLU A 319 -30.46 5.42 -13.46
C GLU A 319 -31.08 6.20 -12.30
N SER A 320 -31.39 5.52 -11.19
CA SER A 320 -32.10 6.11 -10.02
C SER A 320 -31.26 7.21 -9.36
N VAL A 321 -29.95 7.25 -9.53
CA VAL A 321 -29.13 8.29 -8.81
C VAL A 321 -28.55 9.23 -9.84
N ALA A 322 -29.32 9.59 -10.86
CA ALA A 322 -28.89 10.41 -12.02
C ALA A 322 -28.43 11.78 -11.53
N GLU A 323 -29.06 12.26 -10.46
CA GLU A 323 -28.87 13.62 -9.91
C GLU A 323 -27.66 13.67 -8.97
N LYS A 324 -27.56 12.73 -8.02
CA LYS A 324 -26.59 12.81 -6.91
C LYS A 324 -25.38 11.92 -7.18
N GLY A 325 -25.54 10.86 -7.97
CA GLY A 325 -24.54 9.79 -8.13
C GLY A 325 -23.88 9.83 -9.49
N LEU A 326 -22.55 9.82 -9.50
CA LEU A 326 -21.70 9.66 -10.72
C LEU A 326 -20.93 8.35 -10.60
N VAL A 327 -21.40 7.32 -11.29
CA VAL A 327 -20.84 5.95 -11.27
C VAL A 327 -20.06 5.76 -12.57
N VAL A 328 -18.74 5.66 -12.48
CA VAL A 328 -17.82 5.59 -13.65
C VAL A 328 -16.87 4.41 -13.50
N SER A 329 -16.24 4.02 -14.60
CA SER A 329 -15.33 2.85 -14.65
C SER A 329 -13.97 3.21 -14.05
N TRP A 330 -13.52 4.46 -14.12
CA TRP A 330 -12.16 4.86 -13.69
C TRP A 330 -12.06 6.38 -13.48
N CYS A 331 -11.32 6.80 -12.45
CA CYS A 331 -10.92 8.22 -12.17
C CYS A 331 -9.49 8.17 -11.63
N SER A 332 -8.76 9.27 -11.68
CA SER A 332 -7.47 9.39 -10.99
C SER A 332 -7.75 9.54 -9.50
N GLN A 333 -7.58 8.46 -8.72
CA GLN A 333 -7.93 8.46 -7.27
C GLN A 333 -7.24 9.66 -6.59
N LEU A 334 -5.97 9.89 -6.89
CA LEU A 334 -5.20 11.01 -6.28
C LEU A 334 -5.84 12.34 -6.66
N GLU A 335 -6.21 12.53 -7.92
CA GLU A 335 -6.85 13.80 -8.38
C GLU A 335 -8.21 13.99 -7.72
N VAL A 336 -9.00 12.93 -7.53
CA VAL A 336 -10.35 13.00 -6.90
C VAL A 336 -10.20 13.34 -5.41
N LEU A 337 -9.35 12.60 -4.69
CA LEU A 337 -9.13 12.82 -3.22
C LEU A 337 -8.62 14.26 -2.98
N ALA A 338 -7.83 14.82 -3.90
CA ALA A 338 -7.24 16.17 -3.73
C ALA A 338 -8.26 17.25 -4.15
N HIS A 339 -9.40 16.87 -4.73
CA HIS A 339 -10.43 17.84 -5.15
C HIS A 339 -11.14 18.38 -3.92
N PRO A 340 -11.31 19.71 -3.77
CA PRO A 340 -11.90 20.27 -2.55
C PRO A 340 -13.39 19.97 -2.34
N SER A 341 -14.09 19.48 -3.35
CA SER A 341 -15.52 19.06 -3.26
C SER A 341 -15.65 17.72 -2.53
N VAL A 342 -14.56 16.95 -2.45
CA VAL A 342 -14.58 15.62 -1.78
C VAL A 342 -14.34 15.84 -0.29
N GLY A 343 -15.34 15.45 0.51
CA GLY A 343 -15.28 15.57 1.98
C GLY A 343 -15.11 14.24 2.65
N CYS A 344 -15.27 13.12 1.95
CA CYS A 344 -15.24 11.80 2.61
C CYS A 344 -14.90 10.72 1.59
N PHE A 345 -14.29 9.64 2.05
CA PHE A 345 -13.80 8.52 1.21
C PHE A 345 -14.31 7.19 1.76
N PHE A 346 -15.27 6.57 1.07
CA PHE A 346 -15.66 5.15 1.33
C PHE A 346 -14.60 4.23 0.71
N THR A 347 -13.75 3.59 1.52
CA THR A 347 -12.55 2.88 1.03
C THR A 347 -12.51 1.47 1.62
N HIS A 348 -11.88 0.54 0.90
CA HIS A 348 -11.63 -0.84 1.39
C HIS A 348 -10.41 -0.84 2.34
N CYS A 349 -9.74 0.30 2.52
CA CYS A 349 -8.62 0.49 3.47
C CYS A 349 -7.38 -0.32 3.07
N GLY A 350 -7.08 -0.42 1.78
CA GLY A 350 -5.78 -0.95 1.32
C GLY A 350 -4.67 0.01 1.73
N TRP A 351 -3.44 -0.46 1.93
CA TRP A 351 -2.40 0.41 2.56
C TRP A 351 -2.18 1.65 1.67
N ASN A 352 -2.28 1.48 0.35
CA ASN A 352 -2.08 2.61 -0.61
C ASN A 352 -3.24 3.58 -0.45
N SER A 353 -4.48 3.10 -0.45
CA SER A 353 -5.68 3.95 -0.24
C SER A 353 -5.61 4.64 1.13
N THR A 354 -5.23 3.91 2.15
CA THR A 354 -5.11 4.42 3.54
C THR A 354 -4.16 5.62 3.56
N LEU A 355 -2.96 5.47 3.01
CA LEU A 355 -1.91 6.52 2.98
C LEU A 355 -2.41 7.68 2.12
N GLU A 356 -3.10 7.38 1.02
CA GLU A 356 -3.61 8.44 0.12
C GLU A 356 -4.65 9.28 0.87
N ALA A 357 -5.51 8.65 1.66
CA ALA A 357 -6.53 9.38 2.44
C ALA A 357 -5.82 10.32 3.43
N LEU A 358 -4.78 9.82 4.08
CA LEU A 358 -4.10 10.58 5.17
C LEU A 358 -3.33 11.74 4.55
N CYS A 359 -2.61 11.49 3.45
CA CYS A 359 -1.82 12.52 2.74
C CYS A 359 -2.78 13.62 2.24
N LEU A 360 -3.97 13.28 1.78
CA LEU A 360 -4.85 14.29 1.13
C LEU A 360 -5.83 14.88 2.14
N GLY A 361 -5.74 14.46 3.41
CA GLY A 361 -6.54 15.01 4.52
C GLY A 361 -8.03 14.81 4.29
N VAL A 362 -8.43 13.59 3.92
CA VAL A 362 -9.84 13.23 3.64
C VAL A 362 -10.31 12.18 4.65
N PRO A 363 -11.37 12.48 5.45
CA PRO A 363 -11.93 11.51 6.38
C PRO A 363 -12.47 10.25 5.69
N VAL A 364 -12.60 9.14 6.41
CA VAL A 364 -12.94 7.84 5.76
C VAL A 364 -14.17 7.20 6.37
N VAL A 365 -14.93 6.52 5.52
CA VAL A 365 -15.88 5.43 5.89
C VAL A 365 -15.18 4.13 5.52
N ALA A 366 -14.70 3.38 6.51
CA ALA A 366 -13.82 2.22 6.28
C ALA A 366 -14.68 0.97 6.13
N PHE A 367 -14.44 0.23 5.06
CA PHE A 367 -15.16 -1.03 4.73
C PHE A 367 -14.14 -2.06 4.28
N PRO A 368 -13.25 -2.50 5.19
CA PRO A 368 -12.21 -3.46 4.83
C PRO A 368 -12.78 -4.79 4.34
N GLN A 369 -12.08 -5.47 3.45
CA GLN A 369 -12.59 -6.76 2.89
C GLN A 369 -11.69 -7.91 3.34
N TRP A 370 -10.38 -7.84 3.07
CA TRP A 370 -9.43 -8.97 3.29
C TRP A 370 -8.05 -8.46 3.76
N ALA A 371 -7.19 -9.39 4.17
CA ALA A 371 -5.75 -9.18 4.43
C ALA A 371 -5.56 -8.00 5.40
N ASP A 372 -4.54 -7.16 5.17
CA ASP A 372 -4.14 -6.07 6.09
C ASP A 372 -5.19 -4.94 6.16
N GLN A 373 -6.22 -4.92 5.29
CA GLN A 373 -7.28 -3.87 5.26
C GLN A 373 -7.99 -3.81 6.60
N VAL A 374 -8.17 -4.97 7.25
CA VAL A 374 -8.88 -5.09 8.55
C VAL A 374 -8.07 -4.32 9.59
N THR A 375 -6.75 -4.47 9.58
CA THR A 375 -5.84 -3.82 10.59
C THR A 375 -5.74 -2.34 10.24
N ASN A 376 -5.68 -2.02 8.95
CA ASN A 376 -5.61 -0.60 8.51
C ASN A 376 -6.87 0.14 8.96
N ALA A 377 -8.03 -0.49 8.83
CA ALA A 377 -9.34 0.09 9.25
C ALA A 377 -9.30 0.40 10.75
N LYS A 378 -8.80 -0.55 11.55
CA LYS A 378 -8.70 -0.42 13.02
C LYS A 378 -7.96 0.87 13.34
N PHE A 379 -6.82 1.10 12.70
CA PHE A 379 -5.95 2.28 12.96
C PHE A 379 -6.67 3.55 12.52
N LEU A 380 -7.32 3.52 11.36
CA LEU A 380 -7.98 4.73 10.80
C LEU A 380 -9.05 5.21 11.79
N GLU A 381 -9.82 4.28 12.37
CA GLU A 381 -10.95 4.59 13.31
C GLU A 381 -10.43 4.90 14.74
N ASP A 382 -9.66 4.00 15.34
CA ASP A 382 -9.32 4.03 16.80
C ASP A 382 -7.98 4.70 17.06
N VAL A 383 -7.03 4.71 16.12
CA VAL A 383 -5.69 5.25 16.43
C VAL A 383 -5.53 6.63 15.81
N TRP A 384 -5.69 6.75 14.49
CA TRP A 384 -5.54 8.04 13.79
C TRP A 384 -6.83 8.87 13.91
N LYS A 385 -7.95 8.20 14.13
CA LYS A 385 -9.28 8.82 14.38
C LYS A 385 -9.68 9.76 13.22
N VAL A 386 -9.78 9.22 11.99
CA VAL A 386 -10.13 10.03 10.78
C VAL A 386 -11.41 9.46 10.15
N GLY A 387 -12.12 8.57 10.84
CA GLY A 387 -13.38 8.02 10.31
C GLY A 387 -13.88 6.86 11.13
N LYS A 388 -14.81 6.09 10.56
CA LYS A 388 -15.44 4.95 11.27
C LYS A 388 -15.54 3.75 10.35
N ARG A 389 -15.59 2.57 10.94
CA ARG A 389 -15.78 1.28 10.25
C ARG A 389 -17.27 0.97 10.18
N VAL A 390 -17.74 0.53 9.02
CA VAL A 390 -19.17 0.19 8.82
C VAL A 390 -19.45 -1.02 9.72
N LYS A 391 -20.49 -0.97 10.55
CA LYS A 391 -20.89 -2.12 11.40
C LYS A 391 -21.23 -3.27 10.46
N ARG A 392 -20.65 -4.45 10.69
CA ARG A 392 -20.94 -5.66 9.89
C ARG A 392 -22.04 -6.45 10.61
N ASN A 393 -22.51 -7.54 10.01
CA ASN A 393 -23.57 -8.40 10.59
C ASN A 393 -22.93 -9.55 11.35
N GLU A 394 -23.77 -10.51 11.77
CA GLU A 394 -23.38 -11.82 12.34
C GLU A 394 -22.92 -12.71 11.17
N GLN A 395 -23.40 -12.42 9.95
CA GLN A 395 -23.07 -13.14 8.71
C GLN A 395 -22.06 -12.33 7.87
N ARG A 396 -21.40 -11.34 8.50
CA ARG A 396 -20.34 -10.46 7.90
C ARG A 396 -20.94 -9.55 6.80
N LEU A 397 -22.27 -9.48 6.70
CA LEU A 397 -22.99 -8.67 5.66
C LEU A 397 -23.38 -7.33 6.28
N ALA A 398 -23.01 -6.22 5.63
CA ALA A 398 -23.36 -4.86 6.05
C ALA A 398 -24.72 -4.52 5.43
N SER A 399 -25.68 -4.12 6.26
CA SER A 399 -27.00 -3.68 5.77
C SER A 399 -26.87 -2.27 5.18
N LYS A 400 -27.83 -1.88 4.34
CA LYS A 400 -27.87 -0.54 3.71
C LYS A 400 -28.06 0.49 4.82
N GLU A 401 -28.68 0.11 5.93
CA GLU A 401 -28.87 1.02 7.09
C GLU A 401 -27.52 1.24 7.79
N GLU A 402 -26.75 0.19 7.97
CA GLU A 402 -25.39 0.26 8.59
C GLU A 402 -24.51 1.16 7.71
N VAL A 403 -24.61 1.01 6.38
CA VAL A 403 -23.83 1.82 5.39
C VAL A 403 -24.23 3.30 5.52
N ARG A 404 -25.53 3.55 5.47
CA ARG A 404 -26.09 4.92 5.53
C ARG A 404 -25.68 5.59 6.85
N SER A 405 -25.86 4.94 7.99
CA SER A 405 -25.57 5.56 9.31
C SER A 405 -24.06 5.86 9.42
N CYS A 406 -23.21 4.94 8.96
CA CYS A 406 -21.75 5.15 9.07
C CYS A 406 -21.38 6.39 8.23
N ILE A 407 -21.87 6.49 7.00
CA ILE A 407 -21.57 7.67 6.13
C ILE A 407 -22.05 8.92 6.86
N TRP A 408 -23.29 8.89 7.38
CA TRP A 408 -23.85 10.13 8.01
C TRP A 408 -22.99 10.52 9.21
N GLU A 409 -22.64 9.55 10.07
CA GLU A 409 -21.89 9.80 11.32
C GLU A 409 -20.56 10.46 10.98
N VAL A 410 -19.90 10.02 9.90
CA VAL A 410 -18.55 10.52 9.54
C VAL A 410 -18.68 11.93 8.95
N MET A 411 -19.68 12.14 8.08
CA MET A 411 -19.82 13.41 7.35
C MET A 411 -20.68 14.42 8.13
N GLU A 412 -21.65 13.96 8.92
CA GLU A 412 -22.61 14.89 9.57
C GLU A 412 -22.76 14.65 11.07
N GLY A 413 -22.19 13.57 11.62
CA GLY A 413 -22.36 13.22 13.03
C GLY A 413 -21.64 14.08 14.04
N GLU A 414 -21.78 13.71 15.31
CA GLU A 414 -21.13 14.42 16.45
C GLU A 414 -19.63 14.60 16.20
N ARG A 415 -18.94 13.57 15.74
CA ARG A 415 -17.47 13.62 15.56
C ARG A 415 -17.04 14.07 14.16
N ALA A 416 -17.98 14.47 13.29
CA ALA A 416 -17.64 14.91 11.91
C ALA A 416 -16.51 15.93 11.92
N SER A 417 -16.61 16.97 12.75
CA SER A 417 -15.58 18.03 12.82
C SER A 417 -14.27 17.46 13.38
N GLU A 418 -14.35 16.51 14.30
CA GLU A 418 -13.13 15.89 14.87
C GLU A 418 -12.37 15.21 13.73
N PHE A 419 -13.05 14.35 12.98
CA PHE A 419 -12.46 13.62 11.85
C PHE A 419 -11.74 14.58 10.88
N LYS A 420 -12.42 15.60 10.39
CA LYS A 420 -11.77 16.54 9.43
C LYS A 420 -10.56 17.21 10.07
N SER A 421 -10.69 17.61 11.33
CA SER A 421 -9.55 18.26 12.03
C SER A 421 -8.37 17.30 12.09
N ASN A 422 -8.62 16.05 12.46
CA ASN A 422 -7.56 15.02 12.57
C ASN A 422 -7.01 14.75 11.17
N SER A 423 -7.89 14.68 10.15
CA SER A 423 -7.49 14.46 8.73
C SER A 423 -6.54 15.58 8.28
N MET A 424 -6.86 16.83 8.60
CA MET A 424 -6.00 17.95 8.18
C MET A 424 -4.65 17.85 8.90
N GLU A 425 -4.66 17.43 10.17
CA GLU A 425 -3.39 17.27 10.93
C GLU A 425 -2.51 16.21 10.26
N TRP A 426 -3.06 15.08 9.88
CA TRP A 426 -2.27 13.98 9.27
C TRP A 426 -1.73 14.45 7.91
N LYS A 427 -2.54 15.19 7.16
CA LYS A 427 -2.12 15.73 5.86
C LYS A 427 -0.87 16.60 6.10
N LYS A 428 -0.94 17.51 7.08
CA LYS A 428 0.23 18.35 7.48
C LYS A 428 1.44 17.45 7.79
N TRP A 429 1.26 16.47 8.67
CA TRP A 429 2.38 15.65 9.20
C TRP A 429 2.95 14.75 8.11
N ALA A 430 2.10 14.18 7.25
CA ALA A 430 2.56 13.35 6.12
C ALA A 430 3.45 14.24 5.25
N LYS A 431 2.96 15.44 4.90
CA LYS A 431 3.75 16.33 4.01
C LYS A 431 5.08 16.67 4.70
N GLU A 432 5.03 17.05 5.98
CA GLU A 432 6.25 17.41 6.75
C GLU A 432 7.27 16.27 6.71
N ALA A 433 6.82 15.01 6.80
CA ALA A 433 7.73 13.83 6.89
C ALA A 433 8.58 13.70 5.62
N VAL A 434 8.01 13.96 4.44
CA VAL A 434 8.72 13.77 3.13
C VAL A 434 9.30 15.08 2.65
N ASP A 435 8.96 16.20 3.30
CA ASP A 435 9.49 17.55 2.95
C ASP A 435 10.90 17.68 3.51
N GLU A 436 11.68 18.69 3.08
CA GLU A 436 13.09 18.82 3.52
C GLU A 436 13.17 18.84 5.05
N GLY A 437 14.05 18.02 5.63
CA GLY A 437 14.27 17.96 7.08
C GLY A 437 13.30 17.03 7.80
N GLY A 438 12.29 16.49 7.10
CA GLY A 438 11.29 15.56 7.70
C GLY A 438 11.91 14.22 8.07
N SER A 439 11.25 13.49 8.95
CA SER A 439 11.71 12.16 9.42
C SER A 439 12.02 11.26 8.21
N SER A 440 11.14 11.20 7.21
CA SER A 440 11.36 10.35 6.01
C SER A 440 12.49 10.90 5.15
N ASP A 441 12.50 12.21 4.88
CA ASP A 441 13.57 12.88 4.10
C ASP A 441 14.93 12.63 4.76
N LYS A 442 14.99 12.70 6.08
CA LYS A 442 16.27 12.47 6.81
C LYS A 442 16.74 11.04 6.56
N ASN A 443 15.85 10.06 6.69
CA ASN A 443 16.23 8.63 6.53
C ASN A 443 16.72 8.40 5.11
N ILE A 444 16.11 9.07 4.13
CA ILE A 444 16.49 8.94 2.70
C ILE A 444 17.85 9.61 2.48
N GLU A 445 18.07 10.78 3.07
CA GLU A 445 19.39 11.47 2.98
C GLU A 445 20.46 10.57 3.60
N GLU A 446 20.18 9.97 4.75
CA GLU A 446 21.15 9.07 5.43
C GLU A 446 21.57 7.96 4.50
N PHE A 447 20.59 7.27 3.92
CA PHE A 447 20.81 6.14 2.98
C PHE A 447 21.65 6.63 1.81
N VAL A 448 21.25 7.74 1.21
CA VAL A 448 22.04 8.32 0.07
C VAL A 448 23.50 8.58 0.52
N ALA A 449 23.70 9.21 1.69
CA ALA A 449 25.05 9.54 2.18
C ALA A 449 25.84 8.23 2.33
N MET A 450 25.19 7.24 2.92
CA MET A 450 25.80 5.89 3.13
C MET A 450 26.24 5.32 1.79
N LEU A 451 25.40 5.41 0.75
CA LEU A 451 25.68 4.87 -0.60
C LEU A 451 26.88 5.58 -1.25
N LYS A 452 27.10 6.87 -0.94
CA LYS A 452 28.21 7.66 -1.55
C LYS A 452 29.51 7.38 -0.81
N GLN A 453 29.46 6.69 0.33
CA GLN A 453 30.64 6.21 1.10
C GLN A 453 31.14 4.88 0.52
N THR A 454 30.40 4.29 -0.44
CA THR A 454 30.57 2.92 -1.00
C THR A 454 30.18 1.92 0.10
N1 UPG B . -6.42 3.91 -8.00
C2 UPG B . -6.76 4.89 -8.92
N3 UPG B . -8.05 4.84 -9.37
C4 UPG B . -9.01 3.94 -9.00
C5 UPG B . -8.59 2.95 -8.05
C6 UPG B . -7.33 2.97 -7.62
O2 UPG B . -5.98 5.75 -9.31
O4 UPG B . -10.14 4.03 -9.49
C1C UPG B . -5.05 3.89 -7.50
C2C UPG B . -4.95 4.15 -6.00
O2C UPG B . -4.66 5.52 -5.97
C3C UPG B . -3.75 3.28 -5.59
C4C UPG B . -3.76 2.13 -6.59
O4C UPG B . -4.50 2.61 -7.75
O3C UPG B . -2.53 3.98 -5.63
C5C UPG B . -4.39 0.85 -6.10
O5C UPG B . -5.59 1.19 -5.38
PA UPG B . -6.51 0.07 -4.76
O1A UPG B . -6.20 -1.26 -5.37
O2A UPG B . -7.92 0.51 -4.83
O3A UPG B . -6.00 0.09 -3.24
PB UPG B . -4.67 -0.20 -2.42
O1B UPG B . -4.69 0.56 -1.16
O2B UPG B . -3.48 -0.18 -3.29
O3B UPG B . -4.89 -1.70 -2.03
C1' UPG B . -4.10 -2.64 -2.63
C2' UPG B . -5.04 -3.74 -3.01
C3' UPG B . -5.67 -4.32 -1.78
C4' UPG B . -4.61 -4.67 -0.75
C5' UPG B . -3.75 -3.48 -0.48
C6' UPG B . -2.66 -3.73 0.53
O2' UPG B . -6.05 -3.21 -3.85
O3' UPG B . -6.38 -5.46 -2.22
O4' UPG B . -5.18 -5.03 0.49
O5' UPG B . -3.13 -3.09 -1.70
O6' UPG B . -3.08 -3.25 1.78
#